data_4TZU
#
_entry.id   4TZU
#
_cell.length_a   143.340
_cell.length_b   143.340
_cell.length_c   143.340
_cell.angle_alpha   90.000
_cell.angle_beta   90.000
_cell.angle_gamma   90.000
#
_symmetry.space_group_name_H-M   'I 2 3'
#
loop_
_entity.id
_entity.type
_entity.pdbx_description
1 polymer 'Protein cereblon'
2 non-polymer 'SULFATE ION'
3 non-polymer 'ZINC ION'
4 non-polymer S-Pomalidomide
5 water water
#
_entity_poly.entity_id   1
_entity_poly.type   'polypeptide(L)'
_entity_poly.pdbx_seq_one_letter_code
;TSLCCKQCQETEITTKNEIFSLSLCGPMAAYVNPHGYVHETLTVYKASNLNLIGRPSTVHSWFPGYAWTIAQCKICASHI
GWKFTATKKDMSPQKFWGLTRSALLPTI
;
_entity_poly.pdbx_strand_id   A,B,C,D
#
loop_
_chem_comp.id
_chem_comp.type
_chem_comp.name
_chem_comp.formula
SO4 non-polymer 'SULFATE ION' 'O4 S -2'
Y70 non-polymer S-Pomalidomide 'C13 H11 N3 O4'
ZN non-polymer 'ZINC ION' 'Zn 2'
#
# COMPACT_ATOMS: atom_id res chain seq x y z
N THR A 1 -20.29 -4.82 -10.88
CA THR A 1 -18.86 -5.26 -10.66
C THR A 1 -18.70 -6.76 -10.26
N SER A 2 -19.78 -7.42 -9.83
CA SER A 2 -19.67 -8.78 -9.25
C SER A 2 -19.24 -9.90 -10.22
N LEU A 3 -18.33 -10.78 -9.79
CA LEU A 3 -18.03 -12.01 -10.52
C LEU A 3 -18.48 -13.18 -9.68
N CYS A 4 -19.50 -13.89 -10.16
CA CYS A 4 -20.15 -14.94 -9.41
C CYS A 4 -19.77 -16.32 -9.95
N CYS A 5 -19.86 -17.34 -9.10
CA CYS A 5 -19.73 -18.72 -9.50
C CYS A 5 -20.69 -19.00 -10.65
N LYS A 6 -20.17 -19.50 -11.74
CA LYS A 6 -21.01 -19.74 -12.89
C LYS A 6 -22.01 -20.91 -12.66
N GLN A 7 -21.57 -21.93 -11.92
CA GLN A 7 -22.38 -23.07 -11.66
C GLN A 7 -23.62 -22.75 -10.79
N CYS A 8 -23.41 -22.17 -9.59
CA CYS A 8 -24.53 -21.92 -8.70
C CYS A 8 -25.13 -20.48 -8.88
N GLN A 9 -24.43 -19.64 -9.67
CA GLN A 9 -24.97 -18.30 -10.13
C GLN A 9 -25.07 -17.20 -9.08
N GLU A 10 -25.51 -17.55 -7.89
CA GLU A 10 -25.89 -16.59 -6.90
C GLU A 10 -24.70 -16.15 -6.02
N THR A 11 -23.63 -16.95 -6.02
CA THR A 11 -22.57 -16.81 -5.07
C THR A 11 -21.46 -15.93 -5.65
N GLU A 12 -21.24 -14.76 -5.05
CA GLU A 12 -20.15 -13.85 -5.52
C GLU A 12 -18.77 -14.40 -5.12
N ILE A 13 -17.84 -14.46 -6.08
CA ILE A 13 -16.46 -14.95 -5.79
C ILE A 13 -15.44 -13.82 -5.68
N THR A 14 -15.60 -12.81 -6.52
CA THR A 14 -14.74 -11.64 -6.46
C THR A 14 -15.44 -10.44 -7.16
N THR A 15 -14.73 -9.33 -7.34
CA THR A 15 -15.28 -8.20 -8.06
C THR A 15 -14.20 -7.72 -9.00
N LYS A 16 -14.59 -7.02 -10.04
CA LYS A 16 -13.64 -6.43 -10.97
C LYS A 16 -12.72 -5.45 -10.32
N ASN A 17 -13.14 -4.87 -9.20
CA ASN A 17 -12.25 -3.96 -8.44
C ASN A 17 -11.02 -4.65 -7.93
N GLU A 18 -11.09 -5.97 -7.76
CA GLU A 18 -9.91 -6.76 -7.15
C GLU A 18 -8.86 -7.23 -8.15
N ILE A 19 -9.16 -7.01 -9.42
CA ILE A 19 -8.29 -7.46 -10.51
C ILE A 19 -6.96 -6.71 -10.45
N PHE A 20 -5.86 -7.47 -10.55
CA PHE A 20 -4.54 -6.83 -10.75
C PHE A 20 -3.70 -7.63 -11.71
N SER A 21 -2.54 -7.07 -12.11
CA SER A 21 -1.69 -7.72 -13.11
C SER A 21 -0.31 -8.19 -12.55
N LEU A 22 -0.11 -9.52 -12.47
CA LEU A 22 1.13 -10.10 -11.85
C LEU A 22 2.25 -10.18 -12.89
N SER A 23 1.98 -10.78 -14.07
CA SER A 23 2.94 -10.65 -15.20
C SER A 23 3.25 -9.18 -15.56
N GLU A 40 -7.15 -16.51 -19.70
CA GLU A 40 -7.61 -17.77 -19.11
C GLU A 40 -7.77 -17.68 -17.57
N THR A 41 -6.78 -17.06 -16.90
CA THR A 41 -6.69 -17.03 -15.41
C THR A 41 -6.68 -15.57 -14.92
N LEU A 42 -7.69 -15.20 -14.19
CA LEU A 42 -7.86 -13.87 -13.71
C LEU A 42 -7.11 -13.86 -12.38
N THR A 43 -6.28 -12.85 -12.15
CA THR A 43 -5.62 -12.71 -10.82
C THR A 43 -6.27 -11.57 -10.03
N VAL A 44 -6.73 -11.86 -8.82
CA VAL A 44 -7.38 -10.84 -7.99
C VAL A 44 -6.75 -10.84 -6.57
N TYR A 45 -6.76 -9.65 -5.92
CA TYR A 45 -6.17 -9.57 -4.59
C TYR A 45 -7.05 -10.24 -3.51
N LYS A 46 -8.37 -10.20 -3.70
CA LYS A 46 -9.30 -10.61 -2.68
C LYS A 46 -10.40 -11.43 -3.36
N ALA A 47 -10.94 -12.39 -2.61
CA ALA A 47 -12.09 -13.21 -3.07
C ALA A 47 -12.91 -13.65 -1.89
N SER A 48 -14.13 -14.15 -2.16
CA SER A 48 -15.04 -14.51 -1.10
C SER A 48 -15.73 -15.81 -1.37
N ASN A 49 -16.20 -16.46 -0.31
CA ASN A 49 -17.06 -17.64 -0.50
C ASN A 49 -16.38 -18.85 -1.15
N LEU A 50 -15.10 -19.00 -0.87
CA LEU A 50 -14.33 -20.12 -1.38
C LEU A 50 -13.81 -20.96 -0.22
N ASN A 51 -13.77 -22.28 -0.41
CA ASN A 51 -13.13 -23.25 0.49
C ASN A 51 -11.84 -23.74 -0.13
N LEU A 52 -10.80 -23.84 0.71
CA LEU A 52 -9.49 -24.28 0.31
C LEU A 52 -9.44 -25.76 0.53
N ILE A 53 -9.02 -26.50 -0.49
CA ILE A 53 -8.90 -27.94 -0.41
C ILE A 53 -7.43 -28.32 -0.37
N GLY A 54 -7.00 -28.98 0.71
CA GLY A 54 -5.63 -29.50 0.83
C GLY A 54 -4.61 -28.46 1.22
N ARG A 55 -3.35 -28.76 0.89
CA ARG A 55 -2.19 -27.98 1.35
C ARG A 55 -1.49 -27.38 0.14
N PRO A 56 -0.84 -26.23 0.33
CA PRO A 56 -0.22 -25.61 -0.86
C PRO A 56 0.81 -26.55 -1.55
N SER A 57 0.92 -26.47 -2.88
CA SER A 57 2.00 -27.16 -3.62
C SER A 57 2.65 -26.17 -4.59
N THR A 58 3.93 -26.36 -4.89
CA THR A 58 4.60 -25.55 -5.90
C THR A 58 4.77 -26.36 -7.23
N VAL A 59 4.24 -27.57 -7.30
CA VAL A 59 4.37 -28.39 -8.50
C VAL A 59 3.67 -27.68 -9.68
N HIS A 60 4.42 -27.47 -10.77
CA HIS A 60 3.92 -26.84 -11.98
C HIS A 60 3.33 -25.48 -11.76
N SER A 61 3.78 -24.77 -10.73
CA SER A 61 3.12 -23.49 -10.39
C SER A 61 3.21 -22.53 -11.59
N TRP A 62 2.08 -21.94 -11.98
CA TRP A 62 2.09 -20.93 -13.07
C TRP A 62 2.72 -19.65 -12.67
N PHE A 63 2.96 -19.46 -11.37
CA PHE A 63 3.53 -18.20 -10.88
C PHE A 63 4.77 -18.47 -10.06
N PRO A 64 5.96 -18.43 -10.70
CA PRO A 64 7.16 -18.79 -9.93
C PRO A 64 7.27 -18.05 -8.63
N GLY A 65 7.56 -18.76 -7.56
CA GLY A 65 7.65 -18.11 -6.27
C GLY A 65 6.40 -18.26 -5.45
N TYR A 66 5.33 -18.79 -6.05
CA TYR A 66 4.08 -19.00 -5.30
C TYR A 66 3.67 -20.47 -5.32
N ALA A 67 2.97 -20.90 -4.27
CA ALA A 67 2.43 -22.24 -4.19
C ALA A 67 0.91 -22.09 -4.41
N TRP A 68 0.22 -23.15 -4.83
CA TRP A 68 -1.23 -23.08 -5.12
C TRP A 68 -1.99 -24.00 -4.22
N THR A 69 -3.22 -23.64 -3.89
CA THR A 69 -4.13 -24.49 -3.12
C THR A 69 -5.46 -24.42 -3.87
N ILE A 70 -6.06 -25.57 -4.15
CA ILE A 70 -7.34 -25.62 -4.85
C ILE A 70 -8.38 -24.83 -4.07
N ALA A 71 -9.17 -24.05 -4.79
CA ALA A 71 -10.24 -23.23 -4.20
C ALA A 71 -11.55 -23.55 -4.88
N GLN A 72 -12.53 -23.98 -4.09
CA GLN A 72 -13.82 -24.28 -4.65
C GLN A 72 -14.94 -23.44 -4.01
N CYS A 73 -16.00 -23.22 -4.78
CA CYS A 73 -17.13 -22.41 -4.29
C CYS A 73 -17.67 -23.10 -3.03
N LYS A 74 -17.91 -22.33 -1.97
CA LYS A 74 -18.37 -22.93 -0.73
C LYS A 74 -19.84 -23.43 -0.85
N ILE A 75 -20.55 -22.99 -1.90
CA ILE A 75 -21.97 -23.33 -2.04
C ILE A 75 -22.20 -24.58 -2.88
N CYS A 76 -21.50 -24.71 -4.02
CA CYS A 76 -21.73 -25.81 -4.93
C CYS A 76 -20.48 -26.65 -5.19
N ALA A 77 -19.35 -26.22 -4.63
CA ALA A 77 -18.04 -26.91 -4.74
C ALA A 77 -17.45 -26.92 -6.17
N SER A 78 -17.95 -26.07 -7.03
CA SER A 78 -17.33 -25.87 -8.34
C SER A 78 -15.84 -25.47 -8.14
N HIS A 79 -14.94 -26.06 -8.92
CA HIS A 79 -13.52 -25.67 -8.84
C HIS A 79 -13.32 -24.36 -9.55
N ILE A 80 -13.19 -23.26 -8.83
CA ILE A 80 -13.18 -21.95 -9.47
C ILE A 80 -11.74 -21.57 -9.85
N GLY A 81 -10.78 -21.99 -9.00
CA GLY A 81 -9.34 -21.69 -9.21
C GLY A 81 -8.47 -22.12 -8.04
N TRP A 82 -7.53 -21.24 -7.67
CA TRP A 82 -6.49 -21.56 -6.67
C TRP A 82 -6.19 -20.31 -5.87
N LYS A 83 -5.84 -20.52 -4.62
CA LYS A 83 -5.21 -19.47 -3.80
C LYS A 83 -3.71 -19.64 -4.04
N PHE A 84 -3.02 -18.55 -4.40
CA PHE A 84 -1.58 -18.56 -4.58
C PHE A 84 -0.93 -17.88 -3.39
N THR A 85 0.01 -18.57 -2.76
CA THR A 85 0.69 -18.03 -1.57
C THR A 85 2.20 -17.95 -1.82
N ALA A 86 2.80 -16.80 -1.49
CA ALA A 86 4.20 -16.52 -1.75
C ALA A 86 5.06 -17.43 -0.88
N THR A 87 6.11 -18.04 -1.44
CA THR A 87 7.03 -18.84 -0.63
C THR A 87 8.12 -18.01 0.07
N LYS A 88 8.35 -16.77 -0.38
CA LYS A 88 9.31 -15.84 0.27
C LYS A 88 8.61 -14.57 0.81
N LYS A 89 9.06 -14.12 1.97
CA LYS A 89 8.41 -13.00 2.64
C LYS A 89 8.61 -11.64 1.94
N ASP A 90 9.61 -11.52 1.07
CA ASP A 90 9.88 -10.24 0.41
C ASP A 90 9.03 -9.99 -0.85
N MET A 91 8.17 -10.94 -1.20
CA MET A 91 7.31 -10.81 -2.39
C MET A 91 6.03 -10.01 -2.09
N SER A 92 5.43 -9.43 -3.14
CA SER A 92 4.11 -8.80 -2.97
C SER A 92 3.25 -9.23 -4.15
N PRO A 93 1.92 -9.17 -3.98
CA PRO A 93 1.23 -9.70 -2.75
C PRO A 93 1.78 -10.97 -2.15
N GLN A 94 1.64 -11.12 -0.83
CA GLN A 94 1.91 -12.41 -0.16
C GLN A 94 0.93 -13.52 -0.56
N LYS A 95 -0.29 -13.13 -0.97
CA LYS A 95 -1.23 -14.07 -1.51
C LYS A 95 -2.15 -13.39 -2.52
N PHE A 96 -2.66 -14.17 -3.45
CA PHE A 96 -3.69 -13.69 -4.36
C PHE A 96 -4.52 -14.92 -4.80
N TRP A 97 -5.56 -14.68 -5.58
CA TRP A 97 -6.36 -15.74 -6.14
C TRP A 97 -6.19 -15.77 -7.62
N GLY A 98 -5.91 -16.94 -8.15
CA GLY A 98 -5.94 -17.10 -9.59
C GLY A 98 -7.19 -17.87 -10.00
N LEU A 99 -8.06 -17.24 -10.77
CA LEU A 99 -9.40 -17.81 -10.97
C LEU A 99 -9.64 -18.13 -12.45
N THR A 100 -10.19 -19.29 -12.72
CA THR A 100 -10.52 -19.63 -14.12
C THR A 100 -11.68 -18.77 -14.63
N ARG A 101 -11.44 -17.94 -15.68
CA ARG A 101 -12.44 -16.92 -16.07
C ARG A 101 -13.76 -17.59 -16.48
N SER A 102 -13.66 -18.77 -17.08
CA SER A 102 -14.84 -19.45 -17.63
C SER A 102 -15.68 -20.09 -16.52
N ALA A 103 -15.17 -20.12 -15.28
CA ALA A 103 -15.95 -20.59 -14.11
C ALA A 103 -16.69 -19.45 -13.39
N LEU A 104 -16.60 -18.25 -13.93
CA LEU A 104 -17.26 -17.08 -13.33
C LEU A 104 -18.26 -16.50 -14.31
N LEU A 105 -19.27 -15.85 -13.77
CA LEU A 105 -20.30 -15.24 -14.60
C LEU A 105 -20.03 -13.67 -14.60
N PRO A 106 -20.53 -12.93 -15.62
CA PRO A 106 -19.76 -12.03 -16.43
C PRO A 106 -18.38 -12.58 -16.70
N THR B 1 -7.22 1.69 -15.26
CA THR B 1 -6.90 1.75 -13.79
C THR B 1 -5.43 1.37 -13.39
N SER B 2 -4.62 0.85 -14.31
CA SER B 2 -3.26 0.41 -13.92
C SER B 2 -2.29 1.56 -13.61
N LEU B 3 -1.51 1.37 -12.54
CA LEU B 3 -0.43 2.27 -12.19
C LEU B 3 0.89 1.49 -12.25
N CYS B 4 1.75 1.86 -13.19
CA CYS B 4 2.96 1.10 -13.48
C CYS B 4 4.21 1.80 -13.02
N CYS B 5 5.25 1.01 -12.77
CA CYS B 5 6.57 1.56 -12.57
C CYS B 5 6.95 2.51 -13.75
N LYS B 6 7.35 3.74 -13.43
CA LYS B 6 7.72 4.72 -14.45
C LYS B 6 8.99 4.29 -15.20
N GLN B 7 9.91 3.61 -14.51
CA GLN B 7 11.20 3.22 -15.11
C GLN B 7 11.07 2.11 -16.16
N CYS B 8 10.57 0.94 -15.77
CA CYS B 8 10.54 -0.22 -16.70
C CYS B 8 9.23 -0.23 -17.48
N GLN B 9 8.31 0.63 -17.06
CA GLN B 9 7.06 0.87 -17.82
C GLN B 9 6.11 -0.37 -17.86
N GLU B 10 6.65 -1.60 -17.74
CA GLU B 10 5.86 -2.86 -17.98
C GLU B 10 5.09 -3.34 -16.74
N THR B 11 5.63 -3.00 -15.59
CA THR B 11 5.28 -3.68 -14.38
C THR B 11 4.22 -2.88 -13.63
N GLU B 12 3.07 -3.52 -13.45
CA GLU B 12 2.00 -2.94 -12.68
C GLU B 12 2.35 -2.96 -11.19
N ILE B 13 2.24 -1.82 -10.51
CA ILE B 13 2.54 -1.79 -9.06
C ILE B 13 1.28 -1.72 -8.20
N THR B 14 0.27 -0.97 -8.67
CA THR B 14 -1.04 -1.00 -8.01
C THR B 14 -2.13 -0.60 -9.01
N THR B 15 -3.37 -0.45 -8.56
CA THR B 15 -4.40 0.03 -9.43
C THR B 15 -5.16 1.14 -8.73
N LYS B 16 -5.87 1.96 -9.49
CA LYS B 16 -6.68 3.05 -8.89
C LYS B 16 -7.71 2.51 -7.92
N ASN B 17 -8.15 1.26 -8.14
CA ASN B 17 -9.12 0.60 -7.23
C ASN B 17 -8.59 0.47 -5.81
N GLU B 18 -7.26 0.39 -5.65
CA GLU B 18 -6.67 0.15 -4.34
C GLU B 18 -6.41 1.42 -3.52
N ILE B 19 -6.61 2.59 -4.12
CA ILE B 19 -6.31 3.86 -3.42
C ILE B 19 -7.29 4.09 -2.30
N PHE B 20 -6.78 4.63 -1.18
CA PHE B 20 -7.57 5.03 -0.05
C PHE B 20 -6.84 6.22 0.61
N SER B 21 -7.54 6.86 1.53
CA SER B 21 -7.02 8.08 2.17
C SER B 21 -6.82 7.88 3.64
N LEU B 22 -5.54 7.72 4.03
CA LEU B 22 -5.17 7.49 5.42
C LEU B 22 -5.31 8.79 6.19
N SER B 23 -4.79 9.89 5.63
CA SER B 23 -4.77 11.17 6.34
C SER B 23 -6.16 11.77 6.70
N GLU B 40 1.75 13.78 -2.84
CA GLU B 40 3.11 13.28 -3.13
C GLU B 40 3.21 11.75 -2.99
N THR B 41 2.56 11.24 -1.94
CA THR B 41 2.62 9.81 -1.57
C THR B 41 1.21 9.24 -1.69
N LEU B 42 1.02 8.35 -2.64
CA LEU B 42 -0.24 7.68 -2.86
C LEU B 42 -0.35 6.53 -1.85
N THR B 43 -1.48 6.38 -1.18
CA THR B 43 -1.63 5.21 -0.28
C THR B 43 -2.61 4.21 -0.83
N VAL B 44 -2.20 2.95 -0.84
CA VAL B 44 -3.01 1.89 -1.45
C VAL B 44 -3.05 0.69 -0.53
N TYR B 45 -4.18 -0.04 -0.57
CA TYR B 45 -4.33 -1.17 0.34
C TYR B 45 -3.47 -2.37 -0.09
N LYS B 46 -3.22 -2.48 -1.40
CA LYS B 46 -2.62 -3.64 -1.98
C LYS B 46 -1.72 -3.20 -3.14
N ALA B 47 -0.64 -3.93 -3.34
CA ALA B 47 0.29 -3.60 -4.44
C ALA B 47 0.93 -4.88 -4.91
N SER B 48 1.63 -4.82 -6.04
CA SER B 48 2.16 -6.04 -6.64
C SER B 48 3.55 -5.80 -7.25
N ASN B 49 4.31 -6.88 -7.39
CA ASN B 49 5.57 -6.84 -8.14
C ASN B 49 6.60 -5.92 -7.47
N LEU B 50 6.46 -5.76 -6.15
CA LEU B 50 7.47 -5.06 -5.33
C LEU B 50 8.32 -6.07 -4.55
N ASN B 51 9.64 -5.83 -4.52
CA ASN B 51 10.56 -6.49 -3.53
C ASN B 51 10.77 -5.62 -2.30
N LEU B 52 10.74 -6.26 -1.13
CA LEU B 52 10.97 -5.59 0.17
C LEU B 52 12.41 -5.73 0.51
N ILE B 53 13.05 -4.60 0.82
CA ILE B 53 14.48 -4.54 1.14
C ILE B 53 14.55 -4.28 2.64
N GLY B 54 15.14 -5.20 3.40
CA GLY B 54 15.39 -4.94 4.83
C GLY B 54 14.23 -5.27 5.77
N ARG B 55 14.35 -4.83 7.02
CA ARG B 55 13.32 -5.08 8.02
C ARG B 55 12.61 -3.77 8.40
N PRO B 56 11.39 -3.86 8.95
CA PRO B 56 10.61 -2.66 9.31
C PRO B 56 11.36 -1.64 10.21
N SER B 57 11.17 -0.33 10.00
CA SER B 57 11.68 0.69 10.98
C SER B 57 10.61 1.71 11.29
N THR B 58 10.60 2.24 12.49
CA THR B 58 9.64 3.29 12.77
C THR B 58 10.29 4.69 12.69
N VAL B 59 11.59 4.75 12.45
CA VAL B 59 12.33 6.02 12.56
C VAL B 59 11.86 6.96 11.47
N HIS B 60 11.48 8.19 11.85
CA HIS B 60 10.95 9.18 10.89
C HIS B 60 9.75 8.69 10.09
N SER B 61 8.98 7.74 10.65
CA SER B 61 7.81 7.27 9.91
C SER B 61 6.84 8.44 9.56
N TRP B 62 6.41 8.54 8.31
CA TRP B 62 5.44 9.56 7.93
C TRP B 62 4.04 9.26 8.45
N PHE B 63 3.82 8.03 8.90
CA PHE B 63 2.45 7.63 9.37
C PHE B 63 2.57 7.07 10.78
N PRO B 64 2.41 7.93 11.80
CA PRO B 64 2.62 7.50 13.16
C PRO B 64 1.79 6.26 13.48
N GLY B 65 2.40 5.33 14.19
CA GLY B 65 1.81 4.03 14.47
C GLY B 65 2.19 2.99 13.45
N TYR B 66 2.92 3.36 12.38
CA TYR B 66 3.32 2.38 11.36
C TYR B 66 4.84 2.35 11.19
N ALA B 67 5.39 1.17 10.91
CA ALA B 67 6.81 1.02 10.52
C ALA B 67 6.90 0.92 9.00
N TRP B 68 8.02 1.34 8.39
CA TRP B 68 8.19 1.24 6.94
C TRP B 68 9.28 0.26 6.56
N THR B 69 9.15 -0.31 5.37
CA THR B 69 10.17 -1.18 4.74
C THR B 69 10.26 -0.71 3.28
N ILE B 70 11.48 -0.43 2.78
CA ILE B 70 11.66 0.03 1.41
C ILE B 70 11.10 -0.97 0.42
N ALA B 71 10.41 -0.48 -0.61
CA ALA B 71 9.80 -1.38 -1.61
C ALA B 71 10.25 -0.92 -3.00
N GLN B 72 10.87 -1.84 -3.72
CA GLN B 72 11.40 -1.56 -5.06
C GLN B 72 10.75 -2.45 -6.15
N CYS B 73 10.66 -1.93 -7.37
CA CYS B 73 10.18 -2.73 -8.48
C CYS B 73 11.04 -3.99 -8.63
N LYS B 74 10.40 -5.16 -8.64
CA LYS B 74 11.06 -6.45 -8.84
C LYS B 74 11.78 -6.58 -10.21
N ILE B 75 11.33 -5.84 -11.23
CA ILE B 75 11.98 -5.87 -12.55
C ILE B 75 13.24 -4.95 -12.67
N CYS B 76 13.12 -3.71 -12.25
CA CYS B 76 14.18 -2.74 -12.54
C CYS B 76 14.81 -2.19 -11.28
N ALA B 77 14.34 -2.68 -10.13
CA ALA B 77 14.82 -2.26 -8.78
C ALA B 77 14.69 -0.76 -8.47
N SER B 78 13.91 -0.04 -9.28
CA SER B 78 13.59 1.35 -9.00
C SER B 78 12.82 1.45 -7.65
N HIS B 79 13.23 2.39 -6.79
CA HIS B 79 12.59 2.54 -5.45
C HIS B 79 11.22 3.15 -5.62
N ILE B 80 10.17 2.37 -5.40
CA ILE B 80 8.83 2.91 -5.65
C ILE B 80 8.23 3.54 -4.41
N GLY B 81 8.52 2.96 -3.26
CA GLY B 81 7.89 3.42 -2.04
C GLY B 81 8.25 2.57 -0.86
N TRP B 82 7.25 2.30 -0.03
CA TRP B 82 7.44 1.60 1.21
C TRP B 82 6.18 0.82 1.54
N LYS B 83 6.38 -0.32 2.17
CA LYS B 83 5.32 -1.06 2.82
C LYS B 83 5.23 -0.58 4.26
N PHE B 84 4.03 -0.18 4.68
CA PHE B 84 3.82 0.28 6.06
C PHE B 84 3.06 -0.80 6.83
N THR B 85 3.61 -1.19 7.98
CA THR B 85 3.02 -2.20 8.86
C THR B 85 2.71 -1.61 10.24
N ALA B 86 1.56 -1.96 10.76
CA ALA B 86 1.04 -1.33 11.97
C ALA B 86 1.87 -1.86 13.14
N THR B 87 2.22 -0.98 14.09
CA THR B 87 2.94 -1.42 15.31
C THR B 87 2.01 -1.93 16.43
N LYS B 88 0.70 -1.64 16.33
CA LYS B 88 -0.33 -2.03 17.37
C LYS B 88 -1.47 -2.81 16.67
N LYS B 89 -2.09 -3.78 17.35
CA LYS B 89 -3.07 -4.65 16.70
C LYS B 89 -4.41 -3.95 16.44
N ASP B 90 -4.69 -2.87 17.17
CA ASP B 90 -6.06 -2.29 17.13
C ASP B 90 -6.31 -1.26 15.97
N MET B 91 -5.24 -1.01 15.20
CA MET B 91 -5.24 -0.05 14.09
C MET B 91 -5.82 -0.67 12.82
N SER B 92 -6.32 0.17 11.92
CA SER B 92 -6.75 -0.33 10.61
C SER B 92 -6.18 0.65 9.57
N PRO B 93 -5.95 0.15 8.35
CA PRO B 93 -5.39 -1.15 8.04
C PRO B 93 -4.18 -1.57 8.85
N GLN B 94 -4.01 -2.86 9.01
CA GLN B 94 -2.77 -3.32 9.65
C GLN B 94 -1.54 -3.16 8.72
N LYS B 95 -1.77 -3.04 7.42
CA LYS B 95 -0.67 -2.85 6.46
C LYS B 95 -1.19 -2.07 5.32
N PHE B 96 -0.30 -1.31 4.67
CA PHE B 96 -0.62 -0.64 3.44
C PHE B 96 0.70 -0.23 2.71
N TRP B 97 0.55 0.34 1.51
CA TRP B 97 1.68 0.83 0.71
C TRP B 97 1.63 2.33 0.54
N GLY B 98 2.77 2.98 0.77
CA GLY B 98 2.90 4.40 0.44
C GLY B 98 3.81 4.50 -0.77
N LEU B 99 3.24 4.94 -1.90
CA LEU B 99 3.97 4.93 -3.19
C LEU B 99 4.27 6.35 -3.64
N THR B 100 5.50 6.58 -4.07
CA THR B 100 5.85 7.90 -4.66
C THR B 100 5.17 8.10 -6.00
N ARG B 101 4.29 9.12 -6.09
CA ARG B 101 3.47 9.36 -7.30
C ARG B 101 4.36 9.57 -8.51
N SER B 102 5.51 10.18 -8.29
CA SER B 102 6.40 10.50 -9.41
C SER B 102 7.15 9.28 -9.92
N ALA B 103 7.09 8.16 -9.18
CA ALA B 103 7.72 6.88 -9.61
C ALA B 103 6.76 5.95 -10.38
N LEU B 104 5.55 6.46 -10.67
CA LEU B 104 4.48 5.69 -11.37
C LEU B 104 3.92 6.44 -12.61
N LEU B 105 3.42 5.70 -13.59
CA LEU B 105 2.81 6.28 -14.80
C LEU B 105 1.32 5.97 -14.87
N PRO B 106 0.57 6.81 -15.61
CA PRO B 106 -0.51 7.65 -15.19
C PRO B 106 -0.34 8.44 -13.88
N THR B 107 -1.21 9.45 -13.72
CA THR B 107 -1.08 10.51 -12.71
C THR B 107 -2.40 10.68 -11.95
N THR C 1 34.56 15.21 -12.29
CA THR C 1 34.04 15.08 -10.89
C THR C 1 32.62 15.66 -10.73
N SER C 2 32.01 16.08 -11.85
CA SER C 2 30.69 16.74 -11.85
C SER C 2 29.55 15.79 -11.63
N LEU C 3 28.55 16.23 -10.86
CA LEU C 3 27.31 15.46 -10.65
C LEU C 3 26.18 16.34 -11.13
N CYS C 4 25.41 15.81 -12.07
CA CYS C 4 24.45 16.57 -12.88
C CYS C 4 23.08 15.97 -12.66
N CYS C 5 22.06 16.79 -12.85
CA CYS C 5 20.67 16.37 -12.79
C CYS C 5 20.41 15.21 -13.80
N LYS C 6 19.87 14.11 -13.30
CA LYS C 6 19.69 12.96 -14.18
C LYS C 6 18.53 13.17 -15.17
N GLN C 7 17.51 13.93 -14.76
CA GLN C 7 16.40 14.23 -15.62
C GLN C 7 16.79 15.00 -16.89
N CYS C 8 17.46 16.15 -16.74
CA CYS C 8 17.79 16.99 -17.87
C CYS C 8 19.24 16.95 -18.39
N GLN C 9 20.17 16.47 -17.58
CA GLN C 9 21.65 16.55 -17.88
C GLN C 9 22.24 17.94 -18.27
N GLU C 10 21.50 19.02 -18.08
CA GLU C 10 22.00 20.34 -18.43
C GLU C 10 22.85 20.84 -17.31
N THR C 11 22.44 20.51 -16.10
CA THR C 11 22.86 21.25 -14.92
C THR C 11 23.80 20.46 -14.03
N GLU C 12 24.99 21.00 -13.79
CA GLU C 12 25.82 20.52 -12.67
C GLU C 12 25.18 20.93 -11.33
N ILE C 13 24.98 19.95 -10.43
CA ILE C 13 24.32 20.20 -9.13
C ILE C 13 25.39 20.26 -8.01
N THR C 14 26.40 19.41 -8.12
CA THR C 14 27.51 19.43 -7.19
C THR C 14 28.74 18.73 -7.80
N THR C 15 29.82 18.61 -7.03
CA THR C 15 30.99 17.85 -7.49
C THR C 15 31.43 16.89 -6.39
N LYS C 16 32.16 15.84 -6.74
CA LYS C 16 32.68 14.91 -5.74
C LYS C 16 33.56 15.60 -4.69
N ASN C 17 34.13 16.76 -5.01
CA ASN C 17 34.93 17.53 -4.04
C ASN C 17 34.16 18.02 -2.85
N GLU C 18 32.87 18.24 -3.03
CA GLU C 18 32.03 18.79 -1.99
C GLU C 18 31.47 17.75 -1.02
N ILE C 19 31.66 16.47 -1.33
CA ILE C 19 31.11 15.40 -0.50
C ILE C 19 31.75 15.38 0.86
N PHE C 20 30.92 15.29 1.90
CA PHE C 20 31.42 15.01 3.24
C PHE C 20 30.41 14.06 3.90
N SER C 21 30.74 13.58 5.08
CA SER C 21 29.92 12.54 5.70
C SER C 21 29.56 12.97 7.11
N LEU C 22 28.26 13.02 7.38
CA LEU C 22 27.71 13.19 8.74
C LEU C 22 27.40 11.85 9.49
N SER C 23 27.76 10.70 8.92
CA SER C 23 27.42 9.43 9.61
C SER C 23 28.56 8.82 10.45
N GLU C 40 22.43 6.18 -0.24
CA GLU C 40 21.10 6.66 -0.64
C GLU C 40 21.08 8.19 -0.73
N THR C 41 21.55 8.84 0.35
CA THR C 41 21.59 10.29 0.49
C THR C 41 23.03 10.79 0.61
N LEU C 42 23.44 11.48 -0.43
CA LEU C 42 24.72 12.05 -0.58
C LEU C 42 24.72 13.42 0.12
N THR C 43 25.70 13.70 0.95
CA THR C 43 25.73 15.00 1.63
C THR C 43 26.94 15.82 1.16
N VAL C 44 26.65 17.03 0.71
CA VAL C 44 27.67 17.91 0.17
C VAL C 44 27.62 19.30 0.82
N TYR C 45 28.82 19.94 0.93
CA TYR C 45 28.90 21.28 1.54
C TYR C 45 28.25 22.36 0.67
N LYS C 46 28.34 22.14 -0.66
CA LYS C 46 28.06 23.13 -1.65
C LYS C 46 27.36 22.48 -2.83
N ALA C 47 26.38 23.19 -3.39
CA ALA C 47 25.68 22.76 -4.60
C ALA C 47 25.31 24.01 -5.43
N SER C 48 24.77 23.77 -6.63
CA SER C 48 24.50 24.84 -7.56
C SER C 48 23.32 24.51 -8.46
N ASN C 49 22.71 25.54 -9.05
CA ASN C 49 21.65 25.33 -10.02
C ASN C 49 20.42 24.65 -9.38
N LEU C 50 20.26 24.79 -8.07
CA LEU C 50 19.04 24.33 -7.41
C LEU C 50 18.18 25.53 -7.00
N ASN C 51 16.87 25.38 -7.17
CA ASN C 51 15.87 26.30 -6.60
C ASN C 51 15.28 25.72 -5.33
N LEU C 52 15.08 26.59 -4.35
CA LEU C 52 14.52 26.20 -3.05
C LEU C 52 13.03 26.40 -3.09
N ILE C 53 12.28 25.42 -2.60
CA ILE C 53 10.81 25.45 -2.65
C ILE C 53 10.25 25.53 -1.24
N GLY C 54 9.57 26.62 -0.92
CA GLY C 54 8.94 26.77 0.41
C GLY C 54 9.91 27.21 1.50
N ARG C 55 9.51 26.98 2.74
CA ARG C 55 10.32 27.40 3.90
C ARG C 55 10.82 26.18 4.69
N PRO C 56 11.93 26.34 5.44
CA PRO C 56 12.50 25.29 6.27
C PRO C 56 11.50 24.60 7.15
N SER C 57 11.65 23.28 7.29
CA SER C 57 10.89 22.50 8.29
C SER C 57 11.80 21.46 8.99
N THR C 58 11.56 21.20 10.28
CA THR C 58 12.24 20.14 11.02
C THR C 58 11.36 18.86 11.08
N VAL C 59 10.19 18.88 10.44
CA VAL C 59 9.29 17.74 10.53
C VAL C 59 9.96 16.51 9.90
N HIS C 60 10.08 15.44 10.67
CA HIS C 60 10.74 14.20 10.24
C HIS C 60 12.17 14.38 9.74
N SER C 61 12.86 15.40 10.22
CA SER C 61 14.20 15.66 9.72
C SER C 61 15.14 14.42 9.81
N TRP C 62 15.79 14.10 8.69
CA TRP C 62 16.76 13.01 8.67
C TRP C 62 18.07 13.36 9.38
N PHE C 63 18.29 14.65 9.65
CA PHE C 63 19.52 15.08 10.37
C PHE C 63 19.17 15.96 11.58
N PRO C 64 19.06 15.33 12.78
CA PRO C 64 18.65 16.05 13.99
C PRO C 64 19.45 17.33 14.19
N GLY C 65 18.75 18.43 14.52
CA GLY C 65 19.36 19.75 14.60
C GLY C 65 19.29 20.59 13.32
N TYR C 66 18.87 20.00 12.20
CA TYR C 66 18.73 20.72 10.96
C TYR C 66 17.27 20.74 10.51
N ALA C 67 16.87 21.80 9.80
CA ALA C 67 15.59 21.87 9.12
C ALA C 67 15.81 21.62 7.61
N TRP C 68 14.80 21.16 6.87
CA TRP C 68 14.97 20.93 5.42
C TRP C 68 14.13 21.85 4.54
N THR C 69 14.63 22.16 3.34
CA THR C 69 13.84 22.83 2.30
C THR C 69 14.03 22.08 0.98
N ILE C 70 12.92 21.72 0.31
CA ILE C 70 13.01 21.04 -0.98
C ILE C 70 13.83 21.86 -1.94
N ALA C 71 14.75 21.16 -2.63
CA ALA C 71 15.62 21.74 -3.64
C ALA C 71 15.39 20.99 -4.97
N GLN C 72 15.00 21.71 -6.02
CA GLN C 72 14.81 21.08 -7.36
C GLN C 72 15.70 21.73 -8.43
N CYS C 73 16.02 20.97 -9.47
CA CYS C 73 16.79 21.53 -10.59
C CYS C 73 16.12 22.78 -11.19
N LYS C 74 16.92 23.83 -11.42
CA LYS C 74 16.38 25.10 -11.82
C LYS C 74 15.90 25.06 -13.26
N ILE C 75 16.37 24.07 -14.05
CA ILE C 75 15.98 23.93 -15.45
C ILE C 75 14.71 23.08 -15.64
N CYS C 76 14.69 21.87 -15.08
CA CYS C 76 13.61 20.93 -15.36
C CYS C 76 12.70 20.71 -14.12
N ALA C 77 13.10 21.24 -12.95
CA ALA C 77 12.33 21.09 -11.70
C ALA C 77 12.40 19.69 -11.07
N SER C 78 13.31 18.83 -11.55
CA SER C 78 13.49 17.51 -10.93
C SER C 78 13.84 17.70 -9.45
N HIS C 79 13.11 17.01 -8.57
CA HIS C 79 13.40 17.00 -7.13
C HIS C 79 14.74 16.31 -6.89
N ILE C 80 15.80 17.07 -6.73
CA ILE C 80 17.14 16.47 -6.54
C ILE C 80 17.42 16.17 -5.06
N GLY C 81 16.93 17.03 -4.16
CA GLY C 81 17.12 16.77 -2.72
C GLY C 81 16.60 17.83 -1.81
N TRP C 82 17.42 18.20 -0.80
CA TRP C 82 17.03 19.21 0.19
C TRP C 82 18.21 20.07 0.63
N LYS C 83 17.92 21.29 1.02
CA LYS C 83 18.89 22.09 1.74
C LYS C 83 18.60 21.88 3.19
N PHE C 84 19.64 21.59 3.97
CA PHE C 84 19.48 21.40 5.42
C PHE C 84 20.12 22.57 6.12
N THR C 85 19.37 23.19 7.05
CA THR C 85 19.89 24.40 7.68
C THR C 85 19.84 24.21 9.18
N ALA C 86 20.90 24.62 9.88
CA ALA C 86 21.07 24.34 11.31
C ALA C 86 20.04 25.10 12.11
N THR C 87 19.48 24.47 13.15
CA THR C 87 18.56 25.16 14.05
C THR C 87 19.28 25.91 15.19
N LYS C 88 20.56 25.60 15.43
CA LYS C 88 21.41 26.24 16.49
C LYS C 88 22.71 26.79 15.89
N LYS C 89 23.22 27.89 16.46
CA LYS C 89 24.38 28.54 15.86
C LYS C 89 25.69 27.79 16.12
N ASP C 90 25.72 26.92 17.12
CA ASP C 90 26.98 26.26 17.53
C ASP C 90 27.36 25.01 16.68
N MET C 91 26.44 24.58 15.79
CA MET C 91 26.64 23.42 14.89
C MET C 91 27.55 23.76 13.68
N SER C 92 28.21 22.74 13.14
CA SER C 92 28.96 22.90 11.91
C SER C 92 28.50 21.74 11.06
N PRO C 93 28.61 21.90 9.74
CA PRO C 93 28.15 23.05 9.00
C PRO C 93 26.86 23.69 9.40
N GLN C 94 26.76 25.00 9.26
CA GLN C 94 25.49 25.67 9.46
C GLN C 94 24.45 25.29 8.38
N LYS C 95 24.92 24.79 7.23
CA LYS C 95 24.07 24.37 6.16
C LYS C 95 24.82 23.34 5.32
N PHE C 96 24.06 22.47 4.66
CA PHE C 96 24.58 21.50 3.70
C PHE C 96 23.43 21.01 2.82
N TRP C 97 23.75 20.19 1.82
CA TRP C 97 22.77 19.62 0.91
C TRP C 97 22.74 18.14 1.05
N GLY C 98 21.53 17.60 1.19
CA GLY C 98 21.32 16.15 1.10
C GLY C 98 20.68 15.89 -0.25
N LEU C 99 21.40 15.18 -1.10
CA LEU C 99 20.99 14.97 -2.50
C LEU C 99 20.60 13.45 -2.73
N THR C 100 19.53 13.22 -3.47
CA THR C 100 19.11 11.84 -3.79
C THR C 100 20.03 11.34 -4.85
N ARG C 101 20.81 10.30 -4.56
CA ARG C 101 21.85 9.83 -5.48
C ARG C 101 21.27 9.42 -6.83
N SER C 102 20.05 8.86 -6.80
CA SER C 102 19.49 8.29 -8.01
C SER C 102 19.01 9.43 -8.91
N ALA C 103 19.05 10.66 -8.37
CA ALA C 103 18.62 11.82 -9.13
C ALA C 103 19.78 12.52 -9.81
N LEU C 104 20.96 11.91 -9.77
CA LEU C 104 22.16 12.54 -10.34
C LEU C 104 22.89 11.57 -11.28
N LEU C 105 23.55 12.09 -12.30
CA LEU C 105 24.40 11.27 -13.21
C LEU C 105 25.92 11.38 -12.89
N PRO C 106 26.71 10.38 -13.34
CA PRO C 106 27.44 9.49 -12.48
C PRO C 106 26.71 9.21 -11.17
N THR D 1 -15.39 7.94 -4.88
CA THR D 1 -15.42 6.55 -4.30
C THR D 1 -15.41 6.55 -2.71
N SER D 2 -15.06 7.66 -2.07
CA SER D 2 -14.80 7.68 -0.60
C SER D 2 -16.02 7.60 0.22
N LEU D 3 -15.99 6.79 1.27
CA LEU D 3 -17.07 6.70 2.24
C LEU D 3 -16.47 7.14 3.57
N CYS D 4 -16.90 8.30 4.07
CA CYS D 4 -16.31 8.93 5.25
C CYS D 4 -17.24 8.82 6.45
N CYS D 5 -16.66 8.94 7.65
CA CYS D 5 -17.42 8.97 8.88
C CYS D 5 -18.37 10.18 8.78
N LYS D 6 -19.66 9.94 8.97
CA LYS D 6 -20.69 11.00 8.81
C LYS D 6 -20.52 12.10 9.86
N GLN D 7 -20.13 11.70 11.05
CA GLN D 7 -19.97 12.59 12.17
C GLN D 7 -18.83 13.57 11.98
N CYS D 8 -17.57 13.11 11.92
CA CYS D 8 -16.40 14.08 11.84
C CYS D 8 -16.12 14.52 10.38
N GLN D 9 -16.77 13.81 9.45
CA GLN D 9 -16.87 14.21 8.02
C GLN D 9 -15.62 13.98 7.23
N GLU D 10 -14.46 14.15 7.86
CA GLU D 10 -13.23 14.26 7.09
CA GLU D 10 -13.18 14.26 7.14
C GLU D 10 -12.45 12.91 7.07
N THR D 11 -12.87 11.98 7.91
CA THR D 11 -12.15 10.71 8.04
C THR D 11 -12.73 9.65 7.09
N GLU D 12 -11.89 9.17 6.17
CA GLU D 12 -12.34 8.10 5.28
C GLU D 12 -12.27 6.77 6.01
N ILE D 13 -13.36 5.99 5.90
CA ILE D 13 -13.43 4.64 6.50
C ILE D 13 -13.27 3.56 5.44
N THR D 14 -13.85 3.75 4.27
CA THR D 14 -13.63 2.73 3.21
C THR D 14 -13.88 3.39 1.88
N THR D 15 -13.88 2.61 0.79
CA THR D 15 -14.23 3.14 -0.53
C THR D 15 -15.17 2.15 -1.20
N LYS D 16 -15.95 2.61 -2.17
CA LYS D 16 -16.86 1.73 -2.88
C LYS D 16 -16.13 0.60 -3.54
N ASN D 17 -14.84 0.78 -3.81
CA ASN D 17 -14.06 -0.26 -4.51
C ASN D 17 -13.93 -1.49 -3.65
N GLU D 18 -14.09 -1.33 -2.34
CA GLU D 18 -13.86 -2.42 -1.37
C GLU D 18 -15.11 -3.23 -1.07
N ILE D 19 -16.25 -2.86 -1.68
CA ILE D 19 -17.55 -3.49 -1.32
C ILE D 19 -17.57 -4.87 -1.98
N PHE D 20 -18.09 -5.88 -1.29
CA PHE D 20 -18.29 -7.22 -1.88
C PHE D 20 -19.52 -7.83 -1.20
N SER D 21 -19.98 -8.97 -1.70
CA SER D 21 -21.20 -9.58 -1.22
C SER D 21 -20.86 -10.92 -0.60
N LEU D 22 -21.04 -11.03 0.72
CA LEU D 22 -20.80 -12.33 1.40
C LEU D 22 -22.05 -13.24 1.23
N SER D 23 -23.26 -12.66 1.36
CA SER D 23 -24.53 -13.38 1.07
C SER D 23 -24.52 -14.15 -0.26
N GLU D 40 -28.76 -2.16 5.13
CA GLU D 40 -28.37 -1.50 6.40
C GLU D 40 -26.84 -1.62 6.69
N THR D 41 -26.27 -2.82 6.42
CA THR D 41 -24.84 -3.12 6.71
C THR D 41 -24.02 -3.45 5.45
N LEU D 42 -23.03 -2.60 5.18
CA LEU D 42 -22.22 -2.71 4.00
C LEU D 42 -21.04 -3.62 4.33
N THR D 43 -20.69 -4.57 3.46
CA THR D 43 -19.51 -5.41 3.75
C THR D 43 -18.37 -5.04 2.79
N VAL D 44 -17.19 -4.77 3.35
CA VAL D 44 -16.02 -4.36 2.54
C VAL D 44 -14.80 -5.17 2.91
N TYR D 45 -13.88 -5.42 1.93
CA TYR D 45 -12.69 -6.21 2.24
C TYR D 45 -11.70 -5.43 3.11
N LYS D 46 -11.70 -4.10 2.95
CA LYS D 46 -10.68 -3.25 3.59
C LYS D 46 -11.32 -1.96 4.12
N ALA D 47 -10.78 -1.47 5.22
CA ALA D 47 -11.25 -0.21 5.84
C ALA D 47 -10.05 0.47 6.50
N SER D 48 -10.22 1.74 6.86
CA SER D 48 -9.12 2.48 7.46
C SER D 48 -9.63 3.40 8.56
N ASN D 49 -8.73 3.83 9.41
CA ASN D 49 -9.03 4.85 10.41
C ASN D 49 -10.09 4.40 11.41
N LEU D 50 -10.17 3.09 11.64
CA LEU D 50 -11.06 2.57 12.68
C LEU D 50 -10.21 2.04 13.85
N ASN D 51 -10.64 2.30 15.06
CA ASN D 51 -10.11 1.59 16.27
C ASN D 51 -10.99 0.40 16.66
N LEU D 52 -10.35 -0.70 17.05
CA LEU D 52 -11.09 -1.89 17.50
C LEU D 52 -11.23 -1.84 19.01
N ILE D 53 -12.44 -2.10 19.49
CA ILE D 53 -12.72 -2.13 20.93
C ILE D 53 -13.00 -3.55 21.38
N GLY D 54 -12.16 -4.04 22.30
CA GLY D 54 -12.41 -5.35 22.94
C GLY D 54 -11.86 -6.51 22.14
N ARG D 55 -12.36 -7.71 22.42
CA ARG D 55 -11.89 -8.97 21.78
C ARG D 55 -13.02 -9.54 20.92
N PRO D 56 -12.69 -10.34 19.89
CA PRO D 56 -13.72 -10.96 19.06
C PRO D 56 -14.74 -11.77 19.85
N SER D 57 -15.98 -11.77 19.38
CA SER D 57 -17.03 -12.63 19.96
C SER D 57 -17.84 -13.24 18.82
N THR D 58 -18.26 -14.49 18.99
CA THR D 58 -19.19 -15.11 18.04
C THR D 58 -20.66 -14.96 18.47
N VAL D 59 -20.88 -14.40 19.67
CA VAL D 59 -22.21 -14.27 20.27
C VAL D 59 -23.16 -13.51 19.30
N HIS D 60 -24.26 -14.13 18.88
CA HIS D 60 -25.19 -13.51 17.92
C HIS D 60 -24.57 -13.06 16.59
N SER D 61 -23.45 -13.66 16.17
CA SER D 61 -22.79 -13.19 14.92
C SER D 61 -23.73 -13.15 13.72
N TRP D 62 -23.79 -12.02 13.00
CA TRP D 62 -24.57 -12.01 11.74
C TRP D 62 -24.03 -12.86 10.62
N PHE D 63 -22.76 -13.28 10.74
CA PHE D 63 -22.08 -14.05 9.67
C PHE D 63 -21.50 -15.35 10.25
N PRO D 64 -22.31 -16.43 10.28
CA PRO D 64 -21.75 -17.71 10.82
C PRO D 64 -20.33 -18.07 10.36
N GLY D 65 -19.51 -18.50 11.31
CA GLY D 65 -18.10 -18.74 11.01
C GLY D 65 -17.20 -17.53 11.21
N TYR D 66 -17.81 -16.38 11.51
CA TYR D 66 -17.04 -15.17 11.87
C TYR D 66 -17.40 -14.67 13.28
N ALA D 67 -16.45 -14.01 13.93
CA ALA D 67 -16.65 -13.38 15.20
C ALA D 67 -16.54 -11.91 14.87
N TRP D 68 -17.05 -11.07 15.77
CA TRP D 68 -17.09 -9.63 15.53
C TRP D 68 -16.36 -8.86 16.58
N THR D 69 -15.80 -7.73 16.18
CA THR D 69 -15.17 -6.81 17.13
C THR D 69 -15.73 -5.42 16.81
N ILE D 70 -16.19 -4.68 17.82
CA ILE D 70 -16.65 -3.27 17.56
C ILE D 70 -15.55 -2.41 16.97
N ALA D 71 -15.93 -1.58 15.98
CA ALA D 71 -15.01 -0.73 15.23
C ALA D 71 -15.52 0.71 15.27
N GLN D 72 -14.70 1.60 15.79
CA GLN D 72 -15.13 2.97 15.87
C GLN D 72 -14.13 3.92 15.23
N CYS D 73 -14.63 5.06 14.78
CA CYS D 73 -13.82 6.07 14.08
C CYS D 73 -12.68 6.54 14.99
N LYS D 74 -11.45 6.53 14.48
CA LYS D 74 -10.25 6.91 15.27
C LYS D 74 -10.29 8.38 15.68
N ILE D 75 -10.99 9.21 14.91
CA ILE D 75 -11.08 10.64 15.26
C ILE D 75 -12.21 11.00 16.29
N CYS D 76 -13.46 10.56 16.02
CA CYS D 76 -14.59 11.02 16.84
C CYS D 76 -15.20 9.95 17.73
N ALA D 77 -14.63 8.75 17.66
CA ALA D 77 -15.07 7.56 18.39
C ALA D 77 -16.50 7.09 18.01
N SER D 78 -17.09 7.59 16.91
CA SER D 78 -18.42 7.13 16.50
C SER D 78 -18.29 5.70 16.15
N HIS D 79 -19.28 4.91 16.55
CA HIS D 79 -19.27 3.47 16.23
C HIS D 79 -19.68 3.27 14.80
N ILE D 80 -18.76 2.81 13.96
CA ILE D 80 -19.08 2.73 12.53
C ILE D 80 -19.61 1.35 12.16
N GLY D 81 -19.13 0.31 12.86
CA GLY D 81 -19.46 -1.07 12.52
C GLY D 81 -18.65 -2.08 13.32
N TRP D 82 -18.24 -3.16 12.63
CA TRP D 82 -17.52 -4.28 13.28
C TRP D 82 -16.51 -4.85 12.32
N LYS D 83 -15.40 -5.30 12.87
CA LYS D 83 -14.50 -6.15 12.12
C LYS D 83 -14.97 -7.59 12.28
N PHE D 84 -15.07 -8.32 11.16
CA PHE D 84 -15.41 -9.74 11.21
C PHE D 84 -14.19 -10.58 10.92
N THR D 85 -13.91 -11.54 11.81
CA THR D 85 -12.66 -12.36 11.71
C THR D 85 -13.04 -13.85 11.66
N ALA D 86 -12.51 -14.60 10.67
CA ALA D 86 -12.91 -16.01 10.45
C ALA D 86 -12.53 -16.84 11.64
N THR D 87 -13.39 -17.78 12.03
CA THR D 87 -13.04 -18.72 13.08
C THR D 87 -12.28 -19.95 12.54
N LYS D 88 -12.20 -20.11 11.21
CA LYS D 88 -11.46 -21.25 10.61
C LYS D 88 -10.55 -20.78 9.47
N LYS D 89 -9.41 -21.45 9.31
CA LYS D 89 -8.46 -21.09 8.30
C LYS D 89 -8.93 -21.25 6.85
N ASP D 90 -9.90 -22.10 6.57
CA ASP D 90 -10.15 -22.39 5.13
C ASP D 90 -11.20 -21.46 4.49
N MET D 91 -11.71 -20.53 5.30
CA MET D 91 -12.66 -19.51 4.84
C MET D 91 -11.99 -18.35 4.08
N SER D 92 -12.75 -17.69 3.21
CA SER D 92 -12.30 -16.51 2.47
C SER D 92 -13.46 -15.52 2.52
N PRO D 93 -13.13 -14.22 2.49
CA PRO D 93 -11.99 -13.66 3.27
C PRO D 93 -11.79 -14.17 4.73
N GLN D 94 -10.54 -14.21 5.19
CA GLN D 94 -10.27 -14.43 6.62
C GLN D 94 -10.80 -13.30 7.52
N LYS D 95 -10.92 -12.10 6.96
CA LYS D 95 -11.61 -11.03 7.65
C LYS D 95 -12.25 -10.05 6.68
N PHE D 96 -13.22 -9.28 7.17
CA PHE D 96 -13.81 -8.20 6.43
C PHE D 96 -14.42 -7.23 7.42
N TRP D 97 -15.06 -6.19 6.93
CA TRP D 97 -15.74 -5.26 7.83
C TRP D 97 -17.19 -5.20 7.51
N GLY D 98 -18.05 -5.12 8.54
CA GLY D 98 -19.46 -4.82 8.25
C GLY D 98 -19.76 -3.41 8.83
N LEU D 99 -20.15 -2.47 7.99
CA LEU D 99 -20.23 -1.04 8.39
C LEU D 99 -21.67 -0.60 8.27
N THR D 100 -22.15 0.11 9.28
CA THR D 100 -23.53 0.68 9.29
C THR D 100 -23.59 1.80 8.27
N ARG D 101 -24.39 1.63 7.21
CA ARG D 101 -24.42 2.60 6.09
C ARG D 101 -24.77 3.99 6.54
N SER D 102 -25.66 4.11 7.51
CA SER D 102 -26.11 5.47 7.92
C SER D 102 -25.02 6.19 8.70
N ALA D 103 -23.98 5.45 9.09
CA ALA D 103 -22.84 6.08 9.79
C ALA D 103 -21.81 6.62 8.81
N LEU D 104 -22.06 6.46 7.51
CA LEU D 104 -21.12 6.95 6.47
C LEU D 104 -21.77 8.01 5.57
N LEU D 105 -20.95 8.86 4.95
CA LEU D 105 -21.42 9.79 3.93
C LEU D 105 -20.66 9.50 2.64
N PRO D 106 -21.26 9.89 1.49
CA PRO D 106 -21.84 9.13 0.40
C PRO D 106 -22.16 7.72 0.84
S SO4 E . -7.90 -13.78 2.81
O1 SO4 E . -6.72 -14.69 2.66
O2 SO4 E . -7.70 -12.40 2.32
O3 SO4 E . -8.95 -14.55 2.12
O4 SO4 E . -8.22 -13.58 4.18
S SO4 F . 0.58 -8.24 1.22
O1 SO4 F . 1.20 -8.02 2.52
O2 SO4 F . 1.59 -7.92 0.17
O3 SO4 F . 0.23 -9.64 1.10
O4 SO4 F . -0.65 -7.46 0.93
ZN ZN G . -21.06 -22.18 -6.76
C1 Y70 H . -4.08 -32.13 -13.17
C2 Y70 H . -2.87 -32.47 -12.57
C3 Y70 H . -2.03 -31.48 -12.04
C4 Y70 H . -2.42 -30.15 -12.13
C5 Y70 H . -3.63 -29.80 -12.73
C6 Y70 H . -4.47 -30.79 -13.25
C7 Y70 H . -1.83 -28.94 -11.73
N8 Y70 H . -2.64 -27.93 -12.04
C9 Y70 H . -3.71 -28.41 -12.65
N10 Y70 H . -5.63 -30.45 -13.83
O11 Y70 H . -4.63 -27.71 -13.07
C12 Y70 H . -2.40 -26.49 -11.84
O13 Y70 H . -0.75 -28.83 -11.16
C14 Y70 H . -2.55 -26.04 -10.38
C15 Y70 H . -1.04 -26.10 -12.41
N16 Y70 H . -0.39 -24.95 -11.95
C17 Y70 H . -0.97 -24.14 -10.96
C18 Y70 H . -2.33 -24.51 -10.33
O19 Y70 H . -0.50 -26.79 -13.29
O20 Y70 H . -0.35 -23.14 -10.58
S SO4 I . -6.16 -5.34 7.80
O1 SO4 I . -6.38 -6.48 8.74
O2 SO4 I . -4.78 -5.00 7.39
O3 SO4 I . -6.79 -5.56 6.45
O4 SO4 I . -6.87 -4.32 8.64
S SO4 J . -4.92 -8.88 3.38
O1 SO4 J . -4.30 -9.69 4.41
O2 SO4 J . -3.93 -7.95 2.85
O3 SO4 J . -5.39 -9.80 2.29
O4 SO4 J . -6.08 -8.18 3.96
S SO4 K . 10.44 11.97 13.90
O1 SO4 K . 10.80 10.69 14.54
O2 SO4 K . 11.70 12.65 13.57
O3 SO4 K . 9.68 11.73 12.65
O4 SO4 K . 9.57 12.78 14.81
ZN ZN L . 10.36 -1.14 -12.77
C1 Y70 M . 17.42 8.81 3.88
C2 Y70 M . 17.52 8.49 5.23
C3 Y70 M . 16.39 8.13 5.97
C4 Y70 M . 15.16 8.08 5.33
C5 Y70 M . 15.05 8.39 3.98
C6 Y70 M . 16.17 8.77 3.25
C7 Y70 M . 13.87 7.75 5.76
N8 Y70 M . 13.03 7.87 4.75
C9 Y70 M . 13.70 8.25 3.66
N10 Y70 M . 16.06 9.07 1.96
O11 Y70 M . 13.20 8.46 2.56
C12 Y70 M . 11.57 7.65 4.78
O13 Y70 M . 13.59 7.42 6.92
C14 Y70 M . 11.18 6.20 5.01
C15 Y70 M . 10.93 8.56 5.83
N16 Y70 M . 9.69 8.23 6.39
C17 Y70 M . 9.02 7.06 6.01
C18 Y70 M . 9.64 6.09 4.98
O19 Y70 M . 11.48 9.60 6.18
O20 Y70 M . 7.93 6.82 6.52
S SO4 N . 29.50 26.96 8.32
O1 SO4 N . 29.68 25.88 9.30
O2 SO4 N . 30.39 26.73 7.16
O3 SO4 N . 29.82 28.15 9.14
O4 SO4 N . 28.16 27.01 7.73
S SO4 O . 29.14 29.22 3.21
O1 SO4 O . 29.28 28.83 4.61
O2 SO4 O . 30.45 29.45 2.60
O3 SO4 O . 28.53 28.06 2.53
O4 SO4 O . 28.29 30.45 3.14
ZN ZN P . 17.34 19.17 -14.58
C1 Y70 Q . 5.67 13.40 3.05
C2 Y70 Q . 6.12 12.73 1.90
C3 Y70 Q . 7.48 12.66 1.61
C4 Y70 Q . 8.38 13.24 2.50
C5 Y70 Q . 7.94 13.89 3.65
C6 Y70 Q . 6.58 13.97 3.93
C7 Y70 Q . 9.77 13.35 2.52
N8 Y70 Q . 10.15 14.02 3.59
C9 Y70 Q . 9.08 14.35 4.31
N10 Y70 Q . 6.15 14.59 5.02
O11 Y70 Q . 9.10 14.98 5.37
C12 Y70 Q . 11.55 14.27 3.95
O13 Y70 Q . 10.53 12.89 1.67
C14 Y70 Q . 12.02 15.71 3.87
C15 Y70 Q . 11.81 13.69 5.33
N16 Y70 Q . 12.90 14.13 6.09
C17 Y70 Q . 13.78 15.11 5.59
C18 Y70 Q . 13.52 15.74 4.22
O19 Y70 Q . 11.05 12.84 5.80
O20 Y70 Q . 14.72 15.46 6.27
S SO4 R . -28.14 -16.45 17.82
O1 SO4 R . -27.25 -17.27 18.68
O2 SO4 R . -27.67 -16.48 16.42
O3 SO4 R . -28.07 -15.06 18.32
O4 SO4 R . -29.54 -16.93 17.86
ZN ZN S . -15.44 10.20 12.80
C1 Y70 T . -26.30 -5.06 22.21
C2 Y70 T . -25.96 -6.31 22.70
C3 Y70 T . -25.37 -7.26 21.85
C4 Y70 T . -25.14 -6.93 20.52
C5 Y70 T . -25.48 -5.67 20.03
C6 Y70 T . -26.07 -4.73 20.88
C7 Y70 T . -24.58 -7.63 19.45
N8 Y70 T . -24.57 -6.85 18.38
C9 Y70 T . -25.11 -5.68 18.69
N10 Y70 T . -26.41 -3.52 20.43
O11 Y70 T . -25.25 -4.75 17.88
C12 Y70 T . -24.10 -7.23 17.03
O13 Y70 T . -24.16 -8.77 19.51
C14 Y70 T . -22.58 -7.37 16.96
C15 Y70 T . -24.77 -8.55 16.61
N16 Y70 T . -24.14 -9.40 15.72
C17 Y70 T . -22.91 -9.09 15.15
C18 Y70 T . -22.20 -7.78 15.53
O19 Y70 T . -25.86 -8.90 17.09
O20 Y70 T . -22.42 -9.87 14.34
#